data_3D24
#
_entry.id   3D24
#
_cell.length_a   119.400
_cell.length_b   56.000
_cell.length_c   96.200
_cell.angle_alpha   90.00
_cell.angle_beta   106.40
_cell.angle_gamma   90.00
#
_symmetry.space_group_name_H-M   'C 1 2 1'
#
loop_
_entity.id
_entity.type
_entity.pdbx_description
1 polymer 'Steroid hormone receptor ERR1'
2 polymer 'Peroxisome proliferator-activated receptor gamma coactivator 1-alpha'
3 water water
#
loop_
_entity_poly.entity_id
_entity_poly.type
_entity_poly.pdbx_seq_one_letter_code
_entity_poly.pdbx_strand_id
1 'polypeptide(L)'
;MRSHHHHHHGPGLVPRGSKTAAPVNALVSHLLVVEPEKLYAMPDPAGPDGHLPAVATLCDLFDREIVVTISWAKSIPGFS
SLSLSDQMSVLQSVWMEVLVLGVAQRSLPLQDELAFAEDLVLDEEGARAAGLGELGAALLQLVRRLQALRLEREEYVLLK
ALALANSDSVHIEDAEAVEQLREALHEALLEYEAGRAGPGGGAERRRAGRLLLTLPLLRQTAGKVLAHFYGVKLEGKVPM
HKLFLEMLEAMMD
;
A,C
2 'polypeptide(L)' QQQKPQRRPCSELLKYLTTNDD B,D
#
# COMPACT_ATOMS: atom_id res chain seq x y z
N VAL A 24 8.44 29.76 -4.85
CA VAL A 24 7.12 29.08 -4.74
C VAL A 24 6.81 28.30 -6.02
N ASN A 25 6.19 27.14 -5.84
CA ASN A 25 5.82 26.27 -6.97
C ASN A 25 4.43 26.62 -7.48
N ALA A 26 4.29 26.64 -8.80
CA ALA A 26 3.00 26.97 -9.43
C ALA A 26 1.92 25.96 -9.05
N LEU A 27 2.21 24.67 -9.28
CA LEU A 27 1.26 23.61 -8.98
C LEU A 27 0.84 23.57 -7.51
N VAL A 28 1.78 23.85 -6.61
CA VAL A 28 1.50 23.85 -5.18
C VAL A 28 0.47 24.91 -4.80
N SER A 29 0.62 26.12 -5.34
CA SER A 29 -0.31 27.20 -5.06
C SER A 29 -1.70 26.85 -5.58
N HIS A 30 -1.75 26.23 -6.75
CA HIS A 30 -3.03 25.83 -7.33
C HIS A 30 -3.73 24.83 -6.41
N LEU A 31 -2.98 23.83 -5.96
CA LEU A 31 -3.55 22.82 -5.08
C LEU A 31 -4.09 23.45 -3.80
N LEU A 32 -3.38 24.47 -3.29
CA LEU A 32 -3.83 25.16 -2.09
C LEU A 32 -5.14 25.89 -2.35
N VAL A 33 -5.27 26.47 -3.53
CA VAL A 33 -6.48 27.20 -3.89
C VAL A 33 -7.72 26.30 -4.01
N VAL A 34 -7.57 25.17 -4.71
CA VAL A 34 -8.69 24.26 -4.89
C VAL A 34 -8.94 23.34 -3.70
N GLU A 35 -8.20 23.54 -2.63
CA GLU A 35 -8.36 22.73 -1.43
C GLU A 35 -9.72 23.04 -0.80
N PRO A 36 -10.58 22.02 -0.65
CA PRO A 36 -11.91 22.17 -0.07
C PRO A 36 -11.91 22.97 1.23
N GLU A 37 -13.07 23.50 1.60
CA GLU A 37 -13.19 24.27 2.84
C GLU A 37 -13.39 23.27 3.97
N LYS A 38 -13.16 23.71 5.21
CA LYS A 38 -13.33 22.84 6.36
C LYS A 38 -14.68 22.12 6.34
N LEU A 39 -14.68 20.88 6.83
CA LEU A 39 -15.90 20.07 6.84
C LEU A 39 -16.59 20.08 8.21
N TYR A 40 -17.92 20.07 8.17
CA TYR A 40 -18.71 20.07 9.41
C TYR A 40 -19.78 18.98 9.41
N ALA A 41 -19.98 18.37 10.58
CA ALA A 41 -20.95 17.30 10.75
C ALA A 41 -22.35 17.71 10.28
N MET A 42 -23.06 16.74 9.71
CA MET A 42 -24.41 16.97 9.20
C MET A 42 -25.45 16.30 10.08
N PRO A 53 -27.71 9.02 15.79
CA PRO A 53 -26.89 7.83 15.58
C PRO A 53 -25.43 8.17 15.29
N ALA A 54 -24.59 7.15 15.13
CA ALA A 54 -23.18 7.36 14.86
C ALA A 54 -22.79 6.93 13.45
N VAL A 55 -22.79 5.63 13.21
CA VAL A 55 -22.42 5.12 11.89
C VAL A 55 -23.25 5.83 10.82
N ALA A 56 -24.50 6.11 11.15
CA ALA A 56 -25.39 6.80 10.23
C ALA A 56 -24.84 8.14 9.78
N THR A 57 -24.37 8.95 10.72
CA THR A 57 -23.83 10.28 10.41
C THR A 57 -22.59 10.21 9.52
N LEU A 58 -21.73 9.23 9.79
CA LEU A 58 -20.51 9.06 9.01
C LEU A 58 -20.83 8.66 7.58
N CYS A 59 -21.78 7.75 7.41
CA CYS A 59 -22.18 7.30 6.08
C CYS A 59 -22.66 8.47 5.23
N ASP A 60 -23.36 9.40 5.87
CA ASP A 60 -23.88 10.57 5.18
C ASP A 60 -22.77 11.58 4.97
N LEU A 61 -21.89 11.72 5.97
CA LEU A 61 -20.77 12.65 5.87
C LEU A 61 -19.82 12.22 4.76
N PHE A 62 -19.59 10.91 4.64
CA PHE A 62 -18.70 10.38 3.61
C PHE A 62 -19.31 10.55 2.23
N ASP A 63 -20.64 10.44 2.15
CA ASP A 63 -21.33 10.60 0.89
C ASP A 63 -21.09 12.01 0.35
N ARG A 64 -21.16 12.99 1.25
CA ARG A 64 -20.94 14.38 0.85
C ARG A 64 -19.49 14.61 0.47
N GLU A 65 -18.57 14.04 1.22
CA GLU A 65 -17.15 14.22 0.94
C GLU A 65 -16.80 13.66 -0.43
N ILE A 66 -17.49 12.60 -0.85
CA ILE A 66 -17.24 12.02 -2.16
C ILE A 66 -17.54 13.09 -3.21
N VAL A 67 -18.62 13.84 -2.99
CA VAL A 67 -19.00 14.89 -3.93
C VAL A 67 -17.92 15.95 -3.99
N VAL A 68 -17.43 16.36 -2.83
CA VAL A 68 -16.37 17.36 -2.75
C VAL A 68 -15.11 16.85 -3.44
N THR A 69 -14.79 15.58 -3.22
CA THR A 69 -13.61 14.97 -3.81
C THR A 69 -13.69 15.02 -5.34
N ILE A 70 -14.87 14.70 -5.88
CA ILE A 70 -15.06 14.70 -7.32
C ILE A 70 -14.78 16.07 -7.91
N SER A 71 -15.37 17.12 -7.33
CA SER A 71 -15.14 18.47 -7.84
C SER A 71 -13.67 18.85 -7.66
N TRP A 72 -13.09 18.43 -6.54
CA TRP A 72 -11.68 18.72 -6.25
C TRP A 72 -10.80 18.14 -7.35
N ALA A 73 -11.04 16.89 -7.70
CA ALA A 73 -10.26 16.20 -8.73
C ALA A 73 -10.30 16.92 -10.08
N LYS A 74 -11.51 17.28 -10.50
CA LYS A 74 -11.70 17.97 -11.78
C LYS A 74 -10.94 19.29 -11.81
N SER A 75 -10.72 19.87 -10.64
CA SER A 75 -10.01 21.14 -10.52
C SER A 75 -8.50 20.99 -10.69
N ILE A 76 -7.98 19.77 -10.51
CA ILE A 76 -6.56 19.52 -10.64
C ILE A 76 -6.09 19.55 -12.08
N PRO A 77 -5.02 20.32 -12.36
CA PRO A 77 -4.42 20.49 -13.69
C PRO A 77 -3.89 19.17 -14.23
N GLY A 78 -4.56 18.61 -15.23
CA GLY A 78 -4.11 17.37 -15.79
C GLY A 78 -5.10 16.24 -15.58
N PHE A 79 -5.94 16.38 -14.56
CA PHE A 79 -6.93 15.34 -14.31
C PHE A 79 -8.01 15.39 -15.39
N SER A 80 -8.50 16.60 -15.66
CA SER A 80 -9.53 16.80 -16.66
C SER A 80 -9.12 16.39 -18.07
N SER A 81 -7.81 16.32 -18.30
CA SER A 81 -7.30 15.94 -19.63
C SER A 81 -7.43 14.44 -19.85
N LEU A 82 -7.62 13.68 -18.76
CA LEU A 82 -7.78 12.24 -18.88
C LEU A 82 -9.16 11.96 -19.46
N SER A 83 -9.28 10.85 -20.19
CA SER A 83 -10.57 10.50 -20.75
C SER A 83 -11.57 10.39 -19.60
N LEU A 84 -12.86 10.45 -19.92
CA LEU A 84 -13.88 10.35 -18.88
C LEU A 84 -13.80 9.05 -18.13
N SER A 85 -13.65 7.94 -18.84
CA SER A 85 -13.58 6.64 -18.18
C SER A 85 -12.37 6.55 -17.25
N ASP A 86 -11.24 7.10 -17.66
CA ASP A 86 -10.05 7.06 -16.79
C ASP A 86 -10.28 7.92 -15.56
N GLN A 87 -11.06 8.98 -15.71
CA GLN A 87 -11.38 9.86 -14.59
C GLN A 87 -12.23 9.04 -13.61
N MET A 88 -13.15 8.24 -14.14
CA MET A 88 -14.01 7.39 -13.32
C MET A 88 -13.18 6.34 -12.58
N SER A 89 -12.39 5.60 -13.36
CA SER A 89 -11.55 4.55 -12.82
C SER A 89 -10.67 5.06 -11.69
N VAL A 90 -10.04 6.21 -11.89
CA VAL A 90 -9.18 6.78 -10.86
C VAL A 90 -9.98 7.08 -9.59
N LEU A 91 -11.04 7.88 -9.72
CA LEU A 91 -11.87 8.22 -8.57
C LEU A 91 -12.44 6.99 -7.86
N GLN A 92 -12.93 6.03 -8.64
CA GLN A 92 -13.48 4.82 -8.04
C GLN A 92 -12.47 4.00 -7.23
N SER A 93 -11.20 4.10 -7.56
CA SER A 93 -10.19 3.32 -6.86
C SER A 93 -9.40 4.06 -5.78
N VAL A 94 -9.49 5.38 -5.73
CA VAL A 94 -8.75 6.15 -4.74
C VAL A 94 -9.58 7.08 -3.87
N TRP A 95 -10.89 7.15 -4.11
CA TRP A 95 -11.70 8.07 -3.32
C TRP A 95 -11.58 7.89 -1.82
N MET A 96 -11.50 6.65 -1.33
CA MET A 96 -11.38 6.43 0.10
C MET A 96 -10.04 6.90 0.66
N GLU A 97 -8.97 6.80 -0.12
CA GLU A 97 -7.67 7.26 0.36
C GLU A 97 -7.72 8.77 0.58
N VAL A 98 -8.30 9.49 -0.38
CA VAL A 98 -8.42 10.94 -0.29
C VAL A 98 -9.20 11.29 0.98
N LEU A 99 -10.27 10.55 1.22
CA LEU A 99 -11.11 10.76 2.40
C LEU A 99 -10.34 10.47 3.69
N VAL A 100 -9.79 9.27 3.79
CA VAL A 100 -9.03 8.87 4.97
C VAL A 100 -7.89 9.86 5.26
N LEU A 101 -7.22 10.32 4.21
CA LEU A 101 -6.13 11.26 4.40
C LEU A 101 -6.66 12.57 4.97
N GLY A 102 -7.89 12.93 4.59
CA GLY A 102 -8.48 14.15 5.11
C GLY A 102 -8.74 14.01 6.59
N VAL A 103 -9.28 12.86 6.98
CA VAL A 103 -9.55 12.58 8.39
C VAL A 103 -8.25 12.72 9.18
N ALA A 104 -7.20 12.09 8.70
CA ALA A 104 -5.90 12.12 9.35
C ALA A 104 -5.35 13.54 9.47
N GLN A 105 -5.42 14.31 8.39
CA GLN A 105 -4.92 15.68 8.38
C GLN A 105 -5.61 16.53 9.43
N ARG A 106 -6.90 16.26 9.60
CA ARG A 106 -7.74 16.97 10.56
C ARG A 106 -7.49 16.51 11.99
N SER A 107 -6.98 15.29 12.14
CA SER A 107 -6.70 14.71 13.44
C SER A 107 -5.29 14.99 13.96
N LEU A 108 -4.44 15.55 13.10
CA LEU A 108 -3.06 15.84 13.47
C LEU A 108 -2.88 16.62 14.76
N PRO A 109 -3.63 17.73 14.93
CA PRO A 109 -3.51 18.55 16.14
C PRO A 109 -3.91 17.82 17.43
N LEU A 110 -4.67 16.74 17.30
CA LEU A 110 -5.14 15.99 18.46
C LEU A 110 -4.28 14.78 18.78
N GLN A 111 -4.61 14.10 19.86
CA GLN A 111 -3.89 12.90 20.28
C GLN A 111 -4.89 11.82 20.65
N ASP A 112 -4.74 10.64 20.04
CA ASP A 112 -5.63 9.51 20.31
C ASP A 112 -7.07 9.85 19.96
N GLU A 113 -7.27 10.81 19.08
CA GLU A 113 -8.61 11.20 18.66
C GLU A 113 -8.72 11.33 17.14
N LEU A 114 -9.91 11.07 16.61
CA LEU A 114 -10.16 11.15 15.18
C LEU A 114 -11.24 12.17 14.84
N ALA A 115 -10.85 13.19 14.08
CA ALA A 115 -11.77 14.24 13.67
C ALA A 115 -12.32 14.00 12.27
N PHE A 116 -13.47 13.33 12.18
CA PHE A 116 -14.09 13.07 10.89
C PHE A 116 -14.66 14.37 10.34
N ALA A 117 -14.82 15.34 11.24
CA ALA A 117 -15.35 16.66 10.88
C ALA A 117 -14.85 17.66 11.91
N GLU A 118 -14.85 18.93 11.56
CA GLU A 118 -14.40 19.96 12.49
C GLU A 118 -15.21 19.94 13.78
N ASP A 119 -16.44 19.45 13.67
CA ASP A 119 -17.33 19.36 14.83
C ASP A 119 -17.79 17.94 15.09
N LEU A 120 -16.96 16.98 14.71
CA LEU A 120 -17.27 15.57 14.91
C LEU A 120 -16.01 14.78 15.24
N VAL A 121 -15.66 14.78 16.52
CA VAL A 121 -14.46 14.09 17.00
C VAL A 121 -14.83 13.01 18.00
N LEU A 122 -14.20 11.85 17.88
CA LEU A 122 -14.48 10.75 18.80
C LEU A 122 -13.21 9.98 19.18
N ASP A 123 -13.05 9.76 20.47
CA ASP A 123 -11.90 9.03 21.01
C ASP A 123 -11.95 7.58 20.54
N GLU A 124 -10.82 6.90 20.62
CA GLU A 124 -10.74 5.51 20.20
C GLU A 124 -11.80 4.63 20.86
N GLU A 125 -12.28 5.06 22.01
CA GLU A 125 -13.31 4.31 22.74
C GLU A 125 -14.66 4.50 22.07
N GLY A 126 -15.06 5.76 21.93
CA GLY A 126 -16.34 6.07 21.30
C GLY A 126 -16.41 5.47 19.90
N ALA A 127 -15.26 5.37 19.24
CA ALA A 127 -15.20 4.80 17.90
C ALA A 127 -15.81 3.41 17.92
N ARG A 128 -15.47 2.64 18.95
CA ARG A 128 -16.00 1.29 19.11
C ARG A 128 -17.48 1.39 19.44
N ALA A 129 -17.81 2.23 20.41
CA ALA A 129 -19.19 2.43 20.83
C ALA A 129 -20.05 2.84 19.64
N ALA A 130 -19.51 3.75 18.82
CA ALA A 130 -20.22 4.24 17.64
C ALA A 130 -20.40 3.13 16.61
N GLY A 131 -19.98 1.92 16.97
CA GLY A 131 -20.11 0.79 16.06
C GLY A 131 -19.22 0.92 14.84
N LEU A 132 -17.92 1.05 15.07
CA LEU A 132 -16.95 1.17 13.99
C LEU A 132 -15.87 0.11 14.14
N GLY A 133 -16.25 -1.04 14.67
CA GLY A 133 -15.29 -2.12 14.86
C GLY A 133 -14.01 -1.54 15.43
N GLU A 134 -12.90 -1.75 14.75
CA GLU A 134 -11.64 -1.21 15.23
C GLU A 134 -10.93 -0.37 14.17
N LEU A 135 -11.71 0.33 13.35
CA LEU A 135 -11.14 1.19 12.33
C LEU A 135 -10.45 2.36 13.01
N GLY A 136 -10.94 2.70 14.19
CA GLY A 136 -10.38 3.80 14.94
C GLY A 136 -8.90 3.63 15.22
N ALA A 137 -8.52 2.40 15.58
CA ALA A 137 -7.14 2.08 15.88
C ALA A 137 -6.31 2.11 14.59
N ALA A 138 -6.87 1.55 13.52
CA ALA A 138 -6.18 1.52 12.24
C ALA A 138 -5.95 2.96 11.79
N LEU A 139 -6.98 3.78 11.90
CA LEU A 139 -6.89 5.19 11.51
C LEU A 139 -5.86 5.96 12.33
N LEU A 140 -5.88 5.77 13.65
CA LEU A 140 -4.93 6.46 14.51
C LEU A 140 -3.49 6.06 14.19
N GLN A 141 -3.32 4.85 13.68
CA GLN A 141 -2.00 4.38 13.32
C GLN A 141 -1.47 5.22 12.16
N LEU A 142 -2.37 5.62 11.26
CA LEU A 142 -1.98 6.44 10.11
C LEU A 142 -1.70 7.85 10.63
N VAL A 143 -2.55 8.31 11.54
CA VAL A 143 -2.42 9.62 12.15
C VAL A 143 -1.06 9.78 12.82
N ARG A 144 -0.67 8.79 13.60
CA ARG A 144 0.61 8.81 14.30
C ARG A 144 1.80 8.78 13.34
N ARG A 145 1.66 8.05 12.24
CA ARG A 145 2.74 8.00 11.27
C ARG A 145 2.94 9.38 10.67
N LEU A 146 1.82 10.06 10.39
CA LEU A 146 1.87 11.39 9.80
C LEU A 146 2.28 12.45 10.83
N GLN A 147 1.88 12.27 12.09
CA GLN A 147 2.25 13.21 13.14
C GLN A 147 3.75 13.23 13.35
N ALA A 148 4.37 12.05 13.27
CA ALA A 148 5.81 11.94 13.46
C ALA A 148 6.61 12.76 12.45
N LEU A 149 6.00 13.05 11.31
CA LEU A 149 6.68 13.82 10.26
C LEU A 149 6.27 15.29 10.23
N ARG A 150 5.40 15.70 11.15
CA ARG A 150 4.91 17.09 11.18
C ARG A 150 4.67 17.57 9.77
N LEU A 151 3.64 16.99 9.16
CA LEU A 151 3.25 17.31 7.79
C LEU A 151 2.83 18.77 7.69
N GLU A 152 3.46 19.50 6.78
CA GLU A 152 3.12 20.90 6.58
C GLU A 152 1.92 20.97 5.63
N ARG A 153 1.26 22.13 5.59
CA ARG A 153 0.10 22.32 4.74
C ARG A 153 0.41 21.93 3.30
N GLU A 154 1.45 22.55 2.73
CA GLU A 154 1.86 22.30 1.36
C GLU A 154 2.15 20.82 1.05
N GLU A 155 2.72 20.11 2.02
CA GLU A 155 3.04 18.70 1.83
C GLU A 155 1.75 17.89 1.85
N TYR A 156 0.82 18.28 2.70
CA TYR A 156 -0.46 17.61 2.79
C TYR A 156 -1.21 17.63 1.46
N VAL A 157 -1.32 18.81 0.85
CA VAL A 157 -2.03 18.91 -0.42
C VAL A 157 -1.32 18.14 -1.52
N LEU A 158 0.00 18.21 -1.58
CA LEU A 158 0.77 17.48 -2.60
C LEU A 158 0.62 15.97 -2.42
N LEU A 159 0.64 15.51 -1.17
CA LEU A 159 0.51 14.09 -0.89
C LEU A 159 -0.87 13.58 -1.29
N LYS A 160 -1.90 14.36 -0.97
CA LYS A 160 -3.27 14.00 -1.32
C LYS A 160 -3.44 13.89 -2.84
N ALA A 161 -2.85 14.83 -3.57
CA ALA A 161 -2.92 14.85 -5.03
C ALA A 161 -2.14 13.65 -5.58
N LEU A 162 -1.01 13.37 -4.96
CA LEU A 162 -0.18 12.25 -5.39
C LEU A 162 -0.96 10.95 -5.19
N ALA A 163 -1.67 10.84 -4.07
CA ALA A 163 -2.46 9.63 -3.81
C ALA A 163 -3.47 9.42 -4.94
N LEU A 164 -4.16 10.48 -5.33
CA LEU A 164 -5.14 10.40 -6.41
C LEU A 164 -4.45 9.94 -7.68
N ALA A 165 -3.33 10.56 -8.00
CA ALA A 165 -2.59 10.24 -9.22
C ALA A 165 -1.82 8.92 -9.18
N ASN A 166 -1.81 8.23 -8.03
CA ASN A 166 -1.08 6.97 -7.91
C ASN A 166 -2.00 5.76 -7.97
N SER A 167 -3.22 5.99 -8.45
CA SER A 167 -4.19 4.92 -8.57
C SER A 167 -3.59 3.76 -9.36
N ASP A 168 -3.93 2.53 -8.96
CA ASP A 168 -3.45 1.37 -9.68
C ASP A 168 -4.66 0.62 -10.21
N SER A 169 -5.72 1.36 -10.55
CA SER A 169 -6.93 0.74 -11.06
C SER A 169 -6.62 -0.01 -12.35
N VAL A 170 -7.01 -1.28 -12.39
CA VAL A 170 -6.77 -2.11 -13.57
C VAL A 170 -7.60 -1.60 -14.75
N HIS A 171 -8.61 -0.77 -14.46
CA HIS A 171 -9.48 -0.26 -15.51
C HIS A 171 -8.94 0.93 -16.30
N ILE A 172 -7.84 1.51 -15.83
CA ILE A 172 -7.23 2.65 -16.52
C ILE A 172 -6.81 2.27 -17.94
N GLU A 173 -7.08 3.17 -18.88
CA GLU A 173 -6.75 2.93 -20.29
C GLU A 173 -5.46 3.62 -20.73
N ASP A 174 -5.33 4.89 -20.39
CA ASP A 174 -4.16 5.67 -20.77
C ASP A 174 -3.20 5.78 -19.56
N ALA A 175 -2.54 4.68 -19.24
CA ALA A 175 -1.61 4.63 -18.12
C ALA A 175 -0.47 5.64 -18.25
N GLU A 176 -0.13 5.99 -19.49
CA GLU A 176 0.95 6.95 -19.73
C GLU A 176 0.52 8.35 -19.30
N ALA A 177 -0.77 8.64 -19.44
CA ALA A 177 -1.30 9.95 -19.08
C ALA A 177 -1.37 10.10 -17.56
N VAL A 178 -1.97 9.12 -16.89
CA VAL A 178 -2.06 9.16 -15.43
C VAL A 178 -0.65 9.29 -14.87
N GLU A 179 0.29 8.57 -15.47
CA GLU A 179 1.68 8.61 -15.04
C GLU A 179 2.22 10.02 -15.17
N GLN A 180 1.95 10.66 -16.32
CA GLN A 180 2.41 12.03 -16.55
C GLN A 180 1.93 12.96 -15.45
N LEU A 181 0.68 12.79 -15.03
CA LEU A 181 0.12 13.60 -13.96
C LEU A 181 0.86 13.31 -12.65
N ARG A 182 1.14 12.03 -12.43
CA ARG A 182 1.84 11.58 -11.24
C ARG A 182 3.21 12.26 -11.13
N GLU A 183 3.96 12.23 -12.23
CA GLU A 183 5.29 12.83 -12.26
C GLU A 183 5.31 14.35 -12.07
N ALA A 184 4.27 15.02 -12.58
CA ALA A 184 4.19 16.47 -12.43
C ALA A 184 4.07 16.79 -10.95
N LEU A 185 3.19 16.09 -10.27
CA LEU A 185 2.97 16.31 -8.84
C LEU A 185 4.23 15.92 -8.09
N HIS A 186 4.85 14.82 -8.50
CA HIS A 186 6.07 14.36 -7.86
C HIS A 186 7.13 15.45 -7.98
N GLU A 187 7.25 16.03 -9.17
CA GLU A 187 8.23 17.09 -9.40
C GLU A 187 7.95 18.27 -8.49
N ALA A 188 6.68 18.65 -8.40
CA ALA A 188 6.28 19.76 -7.53
C ALA A 188 6.74 19.51 -6.10
N LEU A 189 6.56 18.29 -5.62
CA LEU A 189 6.97 17.95 -4.25
C LEU A 189 8.47 18.13 -4.06
N LEU A 190 9.25 17.67 -5.03
CA LEU A 190 10.70 17.80 -4.94
C LEU A 190 11.11 19.26 -4.95
N GLU A 191 10.55 20.04 -5.86
CA GLU A 191 10.87 21.46 -5.95
C GLU A 191 10.53 22.12 -4.61
N TYR A 192 9.35 21.81 -4.08
CA TYR A 192 8.93 22.37 -2.81
C TYR A 192 9.93 22.08 -1.69
N GLU A 193 10.27 20.80 -1.53
CA GLU A 193 11.21 20.38 -0.49
C GLU A 193 12.59 20.98 -0.72
N ALA A 194 12.87 21.34 -1.96
CA ALA A 194 14.17 21.92 -2.30
C ALA A 194 14.43 23.27 -1.61
N GLY A 195 13.52 23.68 -0.73
CA GLY A 195 13.67 24.94 -0.01
C GLY A 195 15.08 25.04 0.57
N GLU A 204 15.92 17.53 -0.53
CA GLU A 204 14.52 17.41 -0.92
C GLU A 204 14.07 15.95 -1.00
N ARG A 205 14.84 15.14 -1.73
CA ARG A 205 14.54 13.72 -1.92
C ARG A 205 14.43 12.94 -0.61
N ARG A 206 15.14 13.40 0.41
CA ARG A 206 15.13 12.77 1.73
C ARG A 206 13.74 12.93 2.36
N ARG A 207 13.35 14.17 2.58
CA ARG A 207 12.05 14.48 3.15
C ARG A 207 10.92 13.99 2.24
N ALA A 208 11.09 14.14 0.94
CA ALA A 208 10.08 13.72 -0.04
C ALA A 208 9.78 12.23 0.06
N GLY A 209 10.83 11.42 0.18
CA GLY A 209 10.68 9.99 0.29
C GLY A 209 9.99 9.55 1.57
N ARG A 210 10.29 10.22 2.68
CA ARG A 210 9.67 9.87 3.95
C ARG A 210 8.17 10.08 3.84
N LEU A 211 7.77 11.09 3.07
CA LEU A 211 6.34 11.35 2.88
C LEU A 211 5.75 10.21 2.06
N LEU A 212 6.40 9.88 0.95
CA LEU A 212 5.93 8.81 0.06
C LEU A 212 5.86 7.46 0.78
N LEU A 213 6.77 7.21 1.71
CA LEU A 213 6.78 5.97 2.45
C LEU A 213 5.55 5.77 3.34
N THR A 214 4.72 6.79 3.48
CA THR A 214 3.50 6.67 4.29
C THR A 214 2.31 6.25 3.42
N LEU A 215 2.48 6.33 2.10
CA LEU A 215 1.40 5.98 1.18
C LEU A 215 0.93 4.51 1.27
N PRO A 216 1.86 3.57 1.53
CA PRO A 216 1.38 2.19 1.62
C PRO A 216 0.36 2.07 2.76
N LEU A 217 0.65 2.72 3.89
CA LEU A 217 -0.25 2.66 5.03
C LEU A 217 -1.57 3.37 4.74
N LEU A 218 -1.50 4.47 3.99
CA LEU A 218 -2.70 5.20 3.61
C LEU A 218 -3.61 4.26 2.82
N ARG A 219 -3.07 3.60 1.80
CA ARG A 219 -3.90 2.69 0.99
C ARG A 219 -4.49 1.54 1.81
N GLN A 220 -3.66 0.90 2.64
CA GLN A 220 -4.11 -0.21 3.47
C GLN A 220 -5.20 0.26 4.43
N THR A 221 -5.04 1.48 4.96
CA THR A 221 -6.03 2.03 5.87
C THR A 221 -7.35 2.25 5.12
N ALA A 222 -7.27 2.82 3.92
CA ALA A 222 -8.46 3.04 3.10
C ALA A 222 -9.15 1.70 2.82
N GLY A 223 -8.34 0.67 2.62
CA GLY A 223 -8.88 -0.65 2.37
C GLY A 223 -9.72 -1.19 3.53
N LYS A 224 -9.24 -0.98 4.74
CA LYS A 224 -9.96 -1.44 5.92
C LYS A 224 -11.27 -0.66 6.12
N VAL A 225 -11.23 0.65 5.87
CA VAL A 225 -12.43 1.46 6.03
C VAL A 225 -13.49 1.00 5.03
N LEU A 226 -13.05 0.67 3.82
CA LEU A 226 -13.97 0.19 2.78
C LEU A 226 -14.64 -1.10 3.22
N ALA A 227 -13.84 -2.09 3.61
CA ALA A 227 -14.37 -3.39 4.03
C ALA A 227 -15.33 -3.28 5.21
N HIS A 228 -15.09 -2.32 6.10
CA HIS A 228 -15.95 -2.14 7.25
C HIS A 228 -17.33 -1.63 6.84
N PHE A 229 -17.34 -0.51 6.15
CA PHE A 229 -18.59 0.11 5.71
C PHE A 229 -19.33 -0.70 4.65
N TYR A 230 -18.62 -1.58 3.95
CA TYR A 230 -19.25 -2.40 2.95
C TYR A 230 -20.12 -3.39 3.71
N GLY A 231 -19.62 -3.80 4.88
CA GLY A 231 -20.36 -4.72 5.72
C GLY A 231 -21.45 -3.97 6.44
N VAL A 232 -21.28 -2.66 6.59
CA VAL A 232 -22.25 -1.81 7.26
C VAL A 232 -23.50 -1.64 6.39
N LYS A 233 -23.35 -1.88 5.09
CA LYS A 233 -24.50 -1.77 4.18
C LYS A 233 -25.11 -3.15 4.05
N LEU A 234 -24.35 -4.18 4.38
CA LEU A 234 -24.83 -5.55 4.31
C LEU A 234 -25.71 -5.86 5.51
N GLU A 235 -25.62 -5.02 6.54
CA GLU A 235 -26.44 -5.21 7.73
C GLU A 235 -27.79 -4.57 7.43
N GLY A 236 -27.81 -3.73 6.41
CA GLY A 236 -29.03 -3.06 5.99
C GLY A 236 -29.60 -2.04 6.96
N LYS A 237 -29.41 -2.29 8.26
CA LYS A 237 -29.94 -1.38 9.27
C LYS A 237 -29.53 0.07 9.06
N VAL A 238 -28.24 0.31 8.88
CA VAL A 238 -27.76 1.67 8.68
C VAL A 238 -28.05 2.16 7.27
N PRO A 239 -28.70 3.33 7.15
CA PRO A 239 -29.05 3.91 5.85
C PRO A 239 -27.86 4.65 5.24
N MET A 240 -27.86 4.78 3.92
CA MET A 240 -26.78 5.46 3.22
C MET A 240 -27.14 5.78 1.77
N HIS A 241 -26.75 6.97 1.32
CA HIS A 241 -27.03 7.45 -0.02
C HIS A 241 -26.58 6.52 -1.16
N LYS A 242 -26.98 6.90 -2.36
CA LYS A 242 -26.69 6.16 -3.59
C LYS A 242 -25.21 6.21 -3.99
N LEU A 243 -24.64 7.42 -4.02
CA LEU A 243 -23.25 7.60 -4.40
C LEU A 243 -22.34 6.76 -3.52
N PHE A 244 -22.40 6.98 -2.22
CA PHE A 244 -21.59 6.24 -1.27
C PHE A 244 -21.73 4.73 -1.48
N LEU A 245 -22.95 4.25 -1.65
CA LEU A 245 -23.20 2.83 -1.88
C LEU A 245 -22.53 2.36 -3.18
N GLU A 246 -22.66 3.17 -4.22
CA GLU A 246 -22.09 2.85 -5.51
C GLU A 246 -20.57 2.79 -5.44
N MET A 247 -19.97 3.79 -4.79
CA MET A 247 -18.53 3.85 -4.65
C MET A 247 -17.98 2.70 -3.83
N LEU A 248 -18.75 2.25 -2.84
CA LEU A 248 -18.31 1.15 -2.00
C LEU A 248 -18.17 -0.16 -2.79
N GLU A 249 -19.15 -0.41 -3.65
CA GLU A 249 -19.14 -1.64 -4.46
C GLU A 249 -18.25 -1.52 -5.70
N ALA A 250 -17.86 -0.30 -6.04
CA ALA A 250 -17.01 -0.07 -7.20
C ALA A 250 -15.56 -0.43 -6.87
N ARG B 8 -20.33 -2.62 -14.49
CA ARG B 8 -19.93 -1.19 -14.61
C ARG B 8 -20.84 -0.26 -13.81
N PRO B 9 -21.19 -0.64 -12.56
CA PRO B 9 -22.07 0.20 -11.74
C PRO B 9 -21.41 1.54 -11.41
N CYS B 10 -21.77 2.59 -12.15
CA CYS B 10 -21.17 3.90 -11.92
C CYS B 10 -22.01 5.09 -12.41
N SER B 11 -23.31 4.91 -12.53
CA SER B 11 -24.17 5.99 -12.99
C SER B 11 -24.15 7.20 -12.06
N GLU B 12 -24.23 6.96 -10.75
CA GLU B 12 -24.21 8.04 -9.77
C GLU B 12 -22.96 8.90 -9.89
N LEU B 13 -21.80 8.26 -10.04
CA LEU B 13 -20.53 8.97 -10.17
C LEU B 13 -20.53 9.83 -11.44
N LEU B 14 -20.95 9.24 -12.55
CA LEU B 14 -21.00 9.96 -13.83
C LEU B 14 -21.77 11.26 -13.73
N LYS B 15 -22.86 11.23 -12.97
CA LYS B 15 -23.70 12.41 -12.78
C LYS B 15 -22.90 13.62 -12.32
N TYR B 16 -21.91 13.41 -11.47
CA TYR B 16 -21.09 14.52 -10.98
C TYR B 16 -19.90 14.80 -11.90
N LEU B 17 -19.42 13.77 -12.58
CA LEU B 17 -18.29 13.93 -13.49
C LEU B 17 -18.67 14.78 -14.70
N THR B 18 -19.96 14.76 -15.06
CA THR B 18 -20.44 15.52 -16.21
C THR B 18 -21.41 16.66 -15.86
N THR B 19 -21.01 17.53 -14.94
CA THR B 19 -21.86 18.66 -14.54
C THR B 19 -21.02 19.91 -14.28
N ASN B 20 -21.54 20.85 -13.49
CA ASN B 20 -20.84 22.08 -13.18
C ASN B 20 -19.49 21.80 -12.54
N ALA C 22 32.82 0.08 -10.97
CA ALA C 22 32.61 -0.58 -9.64
C ALA C 22 31.93 0.33 -8.63
N PRO C 23 30.71 -0.03 -8.18
CA PRO C 23 29.95 0.76 -7.20
C PRO C 23 30.70 0.91 -5.87
N VAL C 24 30.09 1.60 -4.91
CA VAL C 24 30.74 1.83 -3.62
C VAL C 24 29.82 1.76 -2.41
N ASN C 25 28.53 1.54 -2.62
CA ASN C 25 27.60 1.49 -1.49
C ASN C 25 27.61 0.17 -0.73
N ALA C 26 28.04 0.22 0.52
CA ALA C 26 28.13 -0.96 1.39
C ALA C 26 26.82 -1.72 1.57
N LEU C 27 25.73 -1.01 1.84
CA LEU C 27 24.44 -1.66 2.02
C LEU C 27 24.00 -2.35 0.75
N VAL C 28 24.08 -1.66 -0.38
CA VAL C 28 23.69 -2.25 -1.65
C VAL C 28 24.50 -3.53 -1.93
N SER C 29 25.82 -3.47 -1.71
CA SER C 29 26.66 -4.64 -1.95
C SER C 29 26.23 -5.80 -1.07
N HIS C 30 26.05 -5.55 0.21
CA HIS C 30 25.64 -6.60 1.13
C HIS C 30 24.30 -7.20 0.71
N LEU C 31 23.34 -6.34 0.37
CA LEU C 31 22.02 -6.81 -0.06
C LEU C 31 22.13 -7.69 -1.29
N LEU C 32 23.02 -7.31 -2.22
CA LEU C 32 23.19 -8.10 -3.43
C LEU C 32 23.76 -9.47 -3.05
N VAL C 33 24.73 -9.47 -2.14
CA VAL C 33 25.35 -10.72 -1.69
C VAL C 33 24.39 -11.69 -1.02
N VAL C 34 23.52 -11.17 -0.15
CA VAL C 34 22.59 -12.06 0.55
C VAL C 34 21.31 -12.40 -0.19
N GLU C 35 21.21 -12.02 -1.46
CA GLU C 35 20.04 -12.35 -2.26
C GLU C 35 19.99 -13.87 -2.36
N PRO C 36 18.81 -14.47 -2.14
CA PRO C 36 18.66 -15.92 -2.21
C PRO C 36 18.90 -16.44 -3.63
N GLU C 37 19.29 -17.71 -3.74
CA GLU C 37 19.53 -18.31 -5.06
C GLU C 37 18.21 -18.61 -5.78
N LYS C 38 18.29 -18.88 -7.08
CA LYS C 38 17.10 -19.17 -7.88
C LYS C 38 16.20 -20.22 -7.23
N LEU C 39 14.91 -20.07 -7.45
CA LEU C 39 13.93 -20.98 -6.88
C LEU C 39 13.28 -21.87 -7.94
N TYR C 40 13.24 -23.16 -7.66
CA TYR C 40 12.63 -24.11 -8.58
C TYR C 40 11.48 -24.83 -7.91
N ALA C 41 10.33 -24.87 -8.59
CA ALA C 41 9.16 -25.51 -8.07
C ALA C 41 9.27 -27.04 -8.06
N MET C 42 10.26 -27.60 -8.75
CA MET C 42 10.40 -29.06 -8.76
C MET C 42 11.75 -29.55 -8.19
N PRO C 43 12.63 -30.23 -8.96
CA PRO C 43 12.74 -30.72 -10.34
C PRO C 43 11.99 -32.04 -10.57
N PRO C 53 -0.26 -30.93 -8.50
CA PRO C 53 -1.46 -30.09 -8.38
C PRO C 53 -1.14 -28.60 -8.21
N ALA C 54 -1.80 -27.78 -9.02
CA ALA C 54 -1.60 -26.34 -9.02
C ALA C 54 -1.39 -25.70 -7.64
N VAL C 55 -2.47 -25.26 -7.02
CA VAL C 55 -2.43 -24.61 -5.71
C VAL C 55 -1.54 -25.28 -4.66
N ALA C 56 -1.50 -26.61 -4.68
CA ALA C 56 -0.69 -27.36 -3.73
C ALA C 56 0.79 -27.06 -3.95
N THR C 57 1.19 -26.99 -5.21
CA THR C 57 2.58 -26.70 -5.54
C THR C 57 2.92 -25.30 -5.04
N LEU C 58 2.02 -24.36 -5.26
CA LEU C 58 2.25 -22.99 -4.84
C LEU C 58 2.34 -22.86 -3.32
N CYS C 59 1.51 -23.61 -2.61
CA CYS C 59 1.53 -23.59 -1.14
C CYS C 59 2.87 -24.10 -0.63
N ASP C 60 3.36 -25.17 -1.26
CA ASP C 60 4.64 -25.73 -0.86
C ASP C 60 5.77 -24.77 -1.19
N LEU C 61 5.70 -24.17 -2.37
CA LEU C 61 6.70 -23.21 -2.81
C LEU C 61 6.75 -22.02 -1.86
N PHE C 62 5.60 -21.45 -1.54
CA PHE C 62 5.55 -20.30 -0.64
C PHE C 62 6.12 -20.63 0.73
N ASP C 63 5.86 -21.84 1.20
CA ASP C 63 6.37 -22.24 2.50
C ASP C 63 7.90 -22.20 2.46
N ARG C 64 8.48 -22.73 1.40
CA ARG C 64 9.94 -22.72 1.27
C ARG C 64 10.46 -21.30 1.12
N GLU C 65 9.68 -20.45 0.44
CA GLU C 65 10.08 -19.07 0.24
C GLU C 65 10.12 -18.32 1.58
N ILE C 66 9.22 -18.67 2.47
CA ILE C 66 9.19 -18.03 3.78
C ILE C 66 10.49 -18.35 4.53
N VAL C 67 10.89 -19.62 4.51
CA VAL C 67 12.12 -20.04 5.18
C VAL C 67 13.29 -19.22 4.65
N VAL C 68 13.34 -19.04 3.33
CA VAL C 68 14.40 -18.27 2.70
C VAL C 68 14.34 -16.79 3.10
N THR C 69 13.13 -16.27 3.22
CA THR C 69 12.95 -14.88 3.62
C THR C 69 13.44 -14.64 5.05
N ILE C 70 13.25 -15.62 5.92
CA ILE C 70 13.68 -15.48 7.31
C ILE C 70 15.21 -15.40 7.44
N SER C 71 15.94 -16.29 6.77
CA SER C 71 17.39 -16.24 6.85
C SER C 71 17.89 -14.98 6.15
N TRP C 72 17.21 -14.58 5.07
CA TRP C 72 17.58 -13.37 4.35
C TRP C 72 17.47 -12.14 5.27
N ALA C 73 16.35 -12.02 5.98
CA ALA C 73 16.14 -10.89 6.87
C ALA C 73 17.21 -10.83 7.96
N LYS C 74 17.52 -11.99 8.55
CA LYS C 74 18.54 -12.09 9.60
C LYS C 74 19.90 -11.59 9.14
N SER C 75 20.13 -11.64 7.83
CA SER C 75 21.40 -11.21 7.24
C SER C 75 21.46 -9.71 6.99
N ILE C 76 20.33 -9.03 7.10
CA ILE C 76 20.29 -7.60 6.86
C ILE C 76 20.86 -6.83 8.04
N PRO C 77 21.90 -6.01 7.77
CA PRO C 77 22.55 -5.20 8.81
C PRO C 77 21.47 -4.28 9.36
N GLY C 78 21.13 -4.44 10.63
CA GLY C 78 20.11 -3.60 11.21
C GLY C 78 18.90 -4.40 11.67
N PHE C 79 18.62 -5.51 11.01
CA PHE C 79 17.46 -6.33 11.40
C PHE C 79 17.73 -7.20 12.63
N SER C 80 18.87 -7.89 12.64
CA SER C 80 19.22 -8.76 13.76
C SER C 80 19.50 -8.02 15.05
N SER C 81 19.68 -6.71 14.96
CA SER C 81 19.93 -5.91 16.15
C SER C 81 18.57 -5.56 16.78
N LEU C 82 17.49 -5.83 16.06
CA LEU C 82 16.15 -5.58 16.58
C LEU C 82 15.90 -6.67 17.61
N SER C 83 15.03 -6.41 18.58
CA SER C 83 14.74 -7.43 19.57
C SER C 83 14.11 -8.61 18.84
N LEU C 84 14.22 -9.79 19.44
CA LEU C 84 13.65 -11.00 18.84
C LEU C 84 12.15 -10.83 18.59
N SER C 85 11.43 -10.24 19.53
CA SER C 85 9.99 -10.07 19.35
C SER C 85 9.68 -9.12 18.19
N ASP C 86 10.49 -8.07 18.04
CA ASP C 86 10.27 -7.12 16.93
C ASP C 86 10.63 -7.77 15.60
N GLN C 87 11.63 -8.63 15.60
CA GLN C 87 12.01 -9.32 14.37
C GLN C 87 10.80 -10.15 13.91
N MET C 88 10.16 -10.82 14.86
CA MET C 88 8.99 -11.62 14.53
C MET C 88 7.84 -10.75 14.04
N SER C 89 7.58 -9.65 14.76
CA SER C 89 6.52 -8.74 14.40
C SER C 89 6.71 -8.22 12.98
N VAL C 90 7.93 -7.80 12.65
CA VAL C 90 8.21 -7.31 11.30
C VAL C 90 7.99 -8.41 10.26
N LEU C 91 8.57 -9.58 10.48
CA LEU C 91 8.43 -10.66 9.51
C LEU C 91 6.98 -11.13 9.31
N GLN C 92 6.20 -11.18 10.40
CA GLN C 92 4.81 -11.61 10.30
C GLN C 92 3.95 -10.64 9.49
N SER C 93 4.33 -9.37 9.45
CA SER C 93 3.54 -8.40 8.71
C SER C 93 3.99 -8.13 7.28
N VAL C 94 5.26 -8.43 6.96
CA VAL C 94 5.78 -8.14 5.61
C VAL C 94 6.24 -9.32 4.76
N TRP C 95 6.21 -10.54 5.29
CA TRP C 95 6.70 -11.67 4.52
C TRP C 95 6.05 -11.81 3.15
N MET C 96 4.74 -11.60 3.07
CA MET C 96 4.05 -11.72 1.78
C MET C 96 4.49 -10.65 0.79
N GLU C 97 4.77 -9.43 1.24
CA GLU C 97 5.20 -8.39 0.32
C GLU C 97 6.57 -8.79 -0.25
N VAL C 98 7.42 -9.35 0.60
CA VAL C 98 8.73 -9.80 0.13
C VAL C 98 8.57 -10.89 -0.92
N LEU C 99 7.70 -11.87 -0.65
CA LEU C 99 7.48 -12.95 -1.61
C LEU C 99 6.88 -12.44 -2.90
N VAL C 100 5.89 -11.55 -2.80
CA VAL C 100 5.28 -11.00 -4.00
C VAL C 100 6.28 -10.20 -4.83
N LEU C 101 7.14 -9.40 -4.18
CA LEU C 101 8.11 -8.64 -4.95
C LEU C 101 9.06 -9.59 -5.68
N GLY C 102 9.30 -10.75 -5.07
CA GLY C 102 10.16 -11.75 -5.67
C GLY C 102 9.53 -12.35 -6.92
N VAL C 103 8.22 -12.54 -6.88
CA VAL C 103 7.52 -13.10 -8.03
C VAL C 103 7.53 -12.07 -9.16
N ALA C 104 7.39 -10.80 -8.80
CA ALA C 104 7.37 -9.73 -9.78
C ALA C 104 8.73 -9.58 -10.45
N GLN C 105 9.78 -9.61 -9.65
CA GLN C 105 11.14 -9.48 -10.15
C GLN C 105 11.48 -10.59 -11.14
N ARG C 106 11.06 -11.81 -10.83
CA ARG C 106 11.33 -12.93 -11.71
C ARG C 106 10.52 -12.85 -13.00
N SER C 107 9.40 -12.14 -12.94
CA SER C 107 8.52 -12.00 -14.10
C SER C 107 8.84 -10.83 -15.04
N LEU C 108 9.69 -9.92 -14.59
CA LEU C 108 10.06 -8.75 -15.38
C LEU C 108 10.41 -8.99 -16.85
N PRO C 109 11.21 -10.01 -17.15
CA PRO C 109 11.55 -10.27 -18.55
C PRO C 109 10.47 -10.94 -19.37
N LEU C 110 9.37 -11.30 -18.72
CA LEU C 110 8.27 -11.97 -19.40
C LEU C 110 7.16 -10.99 -19.76
N GLN C 111 6.25 -11.43 -20.61
CA GLN C 111 5.13 -10.60 -21.03
C GLN C 111 3.80 -11.25 -20.68
N ASP C 112 3.04 -10.59 -19.82
CA ASP C 112 1.75 -11.10 -19.37
C ASP C 112 1.88 -12.46 -18.68
N GLU C 113 3.07 -12.75 -18.16
CA GLU C 113 3.30 -14.01 -17.47
C GLU C 113 3.88 -13.80 -16.07
N LEU C 114 3.65 -14.78 -15.19
CA LEU C 114 4.13 -14.72 -13.82
C LEU C 114 5.07 -15.88 -13.51
N ALA C 115 6.30 -15.54 -13.14
CA ALA C 115 7.30 -16.56 -12.81
C ALA C 115 7.29 -16.85 -11.30
N PHE C 116 6.41 -17.74 -10.85
CA PHE C 116 6.38 -18.07 -9.44
C PHE C 116 7.68 -18.77 -9.06
N ALA C 117 8.25 -19.44 -10.04
CA ALA C 117 9.51 -20.15 -9.87
C ALA C 117 10.09 -20.23 -11.28
N GLU C 118 11.38 -20.49 -11.39
CA GLU C 118 12.01 -20.60 -12.71
C GLU C 118 11.26 -21.62 -13.55
N ASP C 119 10.89 -22.74 -12.94
CA ASP C 119 10.19 -23.82 -13.62
C ASP C 119 8.68 -23.85 -13.35
N LEU C 120 8.08 -22.68 -13.18
CA LEU C 120 6.65 -22.58 -12.91
C LEU C 120 6.13 -21.21 -13.32
N VAL C 121 5.79 -21.08 -14.59
CA VAL C 121 5.29 -19.82 -15.14
C VAL C 121 3.84 -19.96 -15.59
N LEU C 122 3.05 -18.93 -15.32
CA LEU C 122 1.64 -18.93 -15.68
C LEU C 122 1.19 -17.55 -16.14
N ASP C 123 0.19 -17.51 -17.03
CA ASP C 123 -0.36 -16.26 -17.51
C ASP C 123 -1.69 -16.05 -16.79
N GLU C 124 -2.37 -14.94 -17.06
CA GLU C 124 -3.65 -14.68 -16.39
C GLU C 124 -4.59 -15.86 -16.51
N GLU C 125 -4.75 -16.36 -17.73
CA GLU C 125 -5.63 -17.48 -17.99
C GLU C 125 -5.14 -18.73 -17.26
N GLY C 126 -3.81 -18.85 -17.14
CA GLY C 126 -3.22 -19.98 -16.45
C GLY C 126 -3.46 -19.91 -14.95
N ALA C 127 -3.43 -18.71 -14.39
CA ALA C 127 -3.65 -18.53 -12.96
C ALA C 127 -5.09 -18.94 -12.66
N ARG C 128 -5.95 -18.78 -13.65
CA ARG C 128 -7.36 -19.13 -13.53
C ARG C 128 -7.52 -20.59 -13.17
N ALA C 129 -7.16 -21.45 -14.11
CA ALA C 129 -7.25 -22.90 -13.93
C ALA C 129 -6.53 -23.37 -12.67
N ALA C 130 -5.31 -22.88 -12.48
CA ALA C 130 -4.53 -23.28 -11.31
C ALA C 130 -5.34 -23.10 -10.03
N GLY C 131 -6.30 -22.19 -10.07
CA GLY C 131 -7.13 -21.94 -8.90
C GLY C 131 -6.61 -20.77 -8.07
N LEU C 132 -6.17 -19.74 -8.75
CA LEU C 132 -5.64 -18.55 -8.07
C LEU C 132 -6.63 -17.40 -8.21
N GLY C 133 -7.69 -17.63 -8.96
CA GLY C 133 -8.72 -16.63 -9.15
C GLY C 133 -8.25 -15.35 -9.84
N GLU C 134 -8.45 -14.23 -9.17
CA GLU C 134 -8.08 -12.92 -9.69
C GLU C 134 -6.61 -12.55 -9.46
N LEU C 135 -5.94 -13.28 -8.59
CA LEU C 135 -4.54 -13.01 -8.28
C LEU C 135 -3.66 -12.81 -9.51
N GLY C 136 -3.92 -13.58 -10.55
CA GLY C 136 -3.12 -13.43 -11.76
C GLY C 136 -3.09 -11.99 -12.22
N ALA C 137 -4.27 -11.39 -12.32
CA ALA C 137 -4.39 -10.01 -12.77
C ALA C 137 -3.78 -9.01 -11.79
N ALA C 138 -3.97 -9.23 -10.50
CA ALA C 138 -3.41 -8.34 -9.49
C ALA C 138 -1.88 -8.33 -9.60
N LEU C 139 -1.28 -9.51 -9.56
CA LEU C 139 0.17 -9.64 -9.66
C LEU C 139 0.76 -8.98 -10.91
N LEU C 140 0.08 -9.15 -12.05
CA LEU C 140 0.56 -8.56 -13.31
C LEU C 140 0.54 -7.04 -13.30
N GLN C 141 -0.41 -6.45 -12.57
CA GLN C 141 -0.47 -4.99 -12.47
C GLN C 141 0.83 -4.51 -11.84
N LEU C 142 1.28 -5.25 -10.83
CA LEU C 142 2.52 -4.91 -10.13
C LEU C 142 3.69 -5.09 -11.09
N VAL C 143 3.73 -6.24 -11.78
CA VAL C 143 4.81 -6.52 -12.72
C VAL C 143 4.93 -5.41 -13.76
N ARG C 144 3.80 -5.02 -14.35
CA ARG C 144 3.81 -3.96 -15.35
C ARG C 144 4.27 -2.64 -14.78
N ARG C 145 3.91 -2.37 -13.52
CA ARG C 145 4.31 -1.13 -12.87
C ARG C 145 5.83 -1.10 -12.72
N LEU C 146 6.43 -2.23 -12.38
CA LEU C 146 7.88 -2.30 -12.22
C LEU C 146 8.58 -2.33 -13.58
N GLN C 147 7.95 -2.95 -14.57
CA GLN C 147 8.54 -3.02 -15.91
C GLN C 147 8.67 -1.61 -16.48
N ALA C 148 7.66 -0.78 -16.23
CA ALA C 148 7.65 0.59 -16.72
C ALA C 148 8.88 1.36 -16.25
N LEU C 149 9.34 1.03 -15.05
CA LEU C 149 10.50 1.69 -14.44
C LEU C 149 11.85 1.15 -14.87
N ARG C 150 11.86 -0.08 -15.39
CA ARG C 150 13.11 -0.71 -15.82
C ARG C 150 14.00 -0.92 -14.59
N LEU C 151 13.39 -1.56 -13.59
CA LEU C 151 14.04 -1.84 -12.32
C LEU C 151 15.38 -2.55 -12.48
N GLU C 152 16.43 -2.00 -11.86
CA GLU C 152 17.77 -2.59 -11.89
C GLU C 152 17.97 -3.44 -10.64
N ARG C 153 18.87 -4.42 -10.71
CA ARG C 153 19.12 -5.31 -9.58
C ARG C 153 19.33 -4.56 -8.26
N GLU C 154 20.14 -3.51 -8.29
CA GLU C 154 20.41 -2.73 -7.09
C GLU C 154 19.12 -2.14 -6.52
N GLU C 155 18.29 -1.61 -7.40
CA GLU C 155 17.03 -0.99 -6.98
C GLU C 155 16.06 -2.02 -6.42
N TYR C 156 16.07 -3.22 -6.99
CA TYR C 156 15.20 -4.29 -6.51
C TYR C 156 15.56 -4.70 -5.09
N VAL C 157 16.83 -5.00 -4.82
CA VAL C 157 17.18 -5.41 -3.47
C VAL C 157 16.90 -4.31 -2.45
N LEU C 158 17.09 -3.06 -2.84
CA LEU C 158 16.84 -1.93 -1.95
C LEU C 158 15.33 -1.79 -1.67
N LEU C 159 14.51 -1.95 -2.70
CA LEU C 159 13.06 -1.84 -2.55
C LEU C 159 12.53 -2.99 -1.68
N LYS C 160 13.11 -4.17 -1.85
CA LYS C 160 12.70 -5.33 -1.07
C LYS C 160 13.02 -5.11 0.41
N ALA C 161 14.23 -4.66 0.69
CA ALA C 161 14.64 -4.41 2.06
C ALA C 161 13.80 -3.27 2.63
N LEU C 162 13.50 -2.29 1.78
CA LEU C 162 12.70 -1.15 2.18
C LEU C 162 11.29 -1.59 2.58
N ALA C 163 10.71 -2.51 1.81
CA ALA C 163 9.37 -3.00 2.14
C ALA C 163 9.41 -3.66 3.51
N LEU C 164 10.49 -4.40 3.78
CA LEU C 164 10.63 -5.08 5.08
C LEU C 164 10.71 -4.05 6.20
N ALA C 165 11.50 -3.01 6.00
CA ALA C 165 11.68 -1.97 7.01
C ALA C 165 10.54 -0.97 7.12
N ASN C 166 9.60 -1.00 6.17
CA ASN C 166 8.49 -0.06 6.18
C ASN C 166 7.22 -0.64 6.79
N SER C 167 7.37 -1.75 7.52
CA SER C 167 6.26 -2.41 8.16
C SER C 167 5.52 -1.45 9.09
N ASP C 168 4.20 -1.52 9.08
CA ASP C 168 3.40 -0.68 9.95
C ASP C 168 2.68 -1.54 10.99
N SER C 169 3.27 -2.66 11.35
CA SER C 169 2.66 -3.55 12.35
C SER C 169 2.48 -2.84 13.68
N VAL C 170 1.28 -2.95 14.26
CA VAL C 170 1.05 -2.31 15.55
C VAL C 170 1.84 -3.01 16.64
N HIS C 171 2.31 -4.23 16.37
CA HIS C 171 3.04 -5.01 17.37
C HIS C 171 4.50 -4.64 17.57
N ILE C 172 5.04 -3.83 16.67
CA ILE C 172 6.43 -3.42 16.79
C ILE C 172 6.58 -2.56 18.04
N GLU C 173 7.54 -2.89 18.89
CA GLU C 173 7.75 -2.16 20.13
C GLU C 173 8.76 -1.03 19.95
N ASP C 174 9.91 -1.34 19.37
CA ASP C 174 10.92 -0.31 19.15
C ASP C 174 10.72 0.28 17.77
N ALA C 175 9.71 1.15 17.65
CA ALA C 175 9.41 1.78 16.37
C ALA C 175 10.56 2.61 15.83
N GLU C 176 11.32 3.22 16.73
CA GLU C 176 12.45 4.05 16.34
C GLU C 176 13.56 3.23 15.69
N ALA C 177 13.85 2.06 16.24
CA ALA C 177 14.91 1.22 15.67
C ALA C 177 14.51 0.78 14.26
N VAL C 178 13.26 0.42 14.07
CA VAL C 178 12.81 0.01 12.74
C VAL C 178 12.94 1.19 11.79
N GLU C 179 12.59 2.38 12.28
CA GLU C 179 12.69 3.59 11.47
C GLU C 179 14.15 3.89 11.12
N GLN C 180 15.07 3.63 12.04
CA GLN C 180 16.49 3.86 11.77
C GLN C 180 16.94 2.94 10.63
N LEU C 181 16.42 1.72 10.60
CA LEU C 181 16.76 0.77 9.55
C LEU C 181 16.21 1.27 8.23
N ARG C 182 14.96 1.72 8.24
CA ARG C 182 14.32 2.22 7.04
C ARG C 182 15.08 3.42 6.48
N GLU C 183 15.47 4.33 7.38
CA GLU C 183 16.21 5.53 6.96
C GLU C 183 17.56 5.19 6.36
N ALA C 184 18.22 4.16 6.90
CA ALA C 184 19.52 3.74 6.39
C ALA C 184 19.37 3.20 4.97
N LEU C 185 18.32 2.43 4.73
CA LEU C 185 18.06 1.86 3.41
C LEU C 185 17.65 2.97 2.45
N HIS C 186 16.83 3.88 2.94
CA HIS C 186 16.37 5.00 2.13
C HIS C 186 17.60 5.80 1.68
N GLU C 187 18.48 6.11 2.64
CA GLU C 187 19.70 6.85 2.33
C GLU C 187 20.56 6.10 1.31
N ALA C 188 20.64 4.78 1.44
CA ALA C 188 21.43 3.99 0.49
C ALA C 188 20.83 4.05 -0.92
N LEU C 189 19.50 4.15 -1.00
CA LEU C 189 18.86 4.22 -2.30
C LEU C 189 19.21 5.58 -2.93
N LEU C 190 19.10 6.65 -2.15
CA LEU C 190 19.41 7.98 -2.67
C LEU C 190 20.86 8.07 -3.15
N GLU C 191 21.79 7.56 -2.35
CA GLU C 191 23.20 7.57 -2.71
C GLU C 191 23.42 6.76 -3.97
N TYR C 192 22.72 5.63 -4.10
CA TYR C 192 22.85 4.81 -5.27
C TYR C 192 22.36 5.53 -6.53
N GLU C 193 21.17 6.13 -6.46
CA GLU C 193 20.64 6.85 -7.61
C GLU C 193 21.55 8.01 -7.96
N ALA C 194 22.03 8.70 -6.93
CA ALA C 194 22.92 9.84 -7.12
C ALA C 194 24.15 9.49 -7.95
N GLY C 195 24.38 8.19 -8.15
CA GLY C 195 25.53 7.76 -8.93
C GLY C 195 25.18 7.02 -10.20
N ARG C 196 24.11 6.22 -10.17
CA ARG C 196 23.68 5.44 -11.32
C ARG C 196 22.16 5.33 -11.41
N ALA C 197 21.66 5.07 -12.61
CA ALA C 197 20.22 4.92 -12.86
C ALA C 197 19.52 6.28 -12.87
N ARG C 205 10.37 14.35 -9.68
CA ARG C 205 10.22 13.07 -10.34
C ARG C 205 11.52 12.27 -10.31
N ARG C 206 12.30 12.43 -9.24
CA ARG C 206 13.56 11.71 -9.12
C ARG C 206 13.30 10.20 -9.19
N ARG C 207 14.35 9.46 -9.50
CA ARG C 207 14.28 8.00 -9.62
C ARG C 207 13.84 7.29 -8.33
N ALA C 208 14.39 7.71 -7.19
CA ALA C 208 14.06 7.09 -5.91
C ALA C 208 12.57 7.16 -5.63
N GLY C 209 11.97 8.32 -5.84
CA GLY C 209 10.55 8.47 -5.60
C GLY C 209 9.69 7.59 -6.49
N ARG C 210 10.08 7.42 -7.75
CA ARG C 210 9.30 6.59 -8.66
C ARG C 210 9.24 5.17 -8.13
N LEU C 211 10.35 4.70 -7.58
CA LEU C 211 10.41 3.36 -7.02
C LEU C 211 9.52 3.28 -5.79
N LEU C 212 9.63 4.28 -4.92
CA LEU C 212 8.82 4.30 -3.71
C LEU C 212 7.32 4.33 -3.99
N LEU C 213 6.93 4.97 -5.09
CA LEU C 213 5.51 5.06 -5.42
C LEU C 213 4.86 3.74 -5.82
N THR C 214 5.67 2.68 -5.97
CA THR C 214 5.13 1.36 -6.32
C THR C 214 4.86 0.54 -5.04
N LEU C 215 5.32 1.02 -3.90
CA LEU C 215 5.11 0.28 -2.65
C LEU C 215 3.64 0.14 -2.22
N PRO C 216 2.80 1.16 -2.48
CA PRO C 216 1.40 0.98 -2.07
C PRO C 216 0.78 -0.23 -2.78
N LEU C 217 1.07 -0.37 -4.08
CA LEU C 217 0.55 -1.48 -4.87
C LEU C 217 1.13 -2.80 -4.36
N LEU C 218 2.43 -2.81 -4.04
CA LEU C 218 3.07 -4.02 -3.52
C LEU C 218 2.31 -4.51 -2.29
N ARG C 219 2.02 -3.60 -1.36
CA ARG C 219 1.31 -3.99 -0.14
C ARG C 219 -0.13 -4.45 -0.44
N GLN C 220 -0.83 -3.72 -1.30
CA GLN C 220 -2.20 -4.08 -1.67
C GLN C 220 -2.21 -5.44 -2.36
N THR C 221 -1.20 -5.69 -3.20
CA THR C 221 -1.13 -6.97 -3.90
C THR C 221 -0.89 -8.08 -2.88
N ALA C 222 0.01 -7.83 -1.92
CA ALA C 222 0.30 -8.82 -0.89
C ALA C 222 -0.97 -9.13 -0.09
N GLY C 223 -1.78 -8.11 0.16
CA GLY C 223 -3.02 -8.31 0.90
C GLY C 223 -3.98 -9.23 0.16
N LYS C 224 -4.02 -9.11 -1.17
CA LYS C 224 -4.89 -9.97 -1.97
C LYS C 224 -4.39 -11.42 -1.97
N VAL C 225 -3.09 -11.62 -2.12
CA VAL C 225 -2.54 -12.97 -2.11
C VAL C 225 -2.81 -13.62 -0.75
N LEU C 226 -2.65 -12.86 0.33
CA LEU C 226 -2.91 -13.41 1.66
C LEU C 226 -4.37 -13.81 1.83
N ALA C 227 -5.28 -12.95 1.38
CA ALA C 227 -6.71 -13.24 1.50
C ALA C 227 -7.04 -14.53 0.77
N HIS C 228 -6.57 -14.64 -0.47
CA HIS C 228 -6.83 -15.81 -1.27
C HIS C 228 -6.33 -17.09 -0.58
N PHE C 229 -5.06 -17.10 -0.16
CA PHE C 229 -4.54 -18.29 0.48
C PHE C 229 -5.14 -18.56 1.86
N TYR C 230 -5.60 -17.52 2.54
CA TYR C 230 -6.25 -17.76 3.81
C TYR C 230 -7.54 -18.52 3.44
N GLY C 231 -8.08 -18.18 2.28
CA GLY C 231 -9.29 -18.84 1.80
C GLY C 231 -9.01 -20.29 1.50
N VAL C 232 -7.90 -20.56 0.83
CA VAL C 232 -7.52 -21.93 0.50
C VAL C 232 -7.38 -22.75 1.78
N LYS C 233 -6.94 -22.08 2.85
CA LYS C 233 -6.77 -22.72 4.14
C LYS C 233 -8.13 -23.08 4.76
N LEU C 234 -9.07 -22.15 4.69
CA LEU C 234 -10.40 -22.40 5.25
C LEU C 234 -11.18 -23.45 4.49
N GLU C 235 -11.01 -23.52 3.17
CA GLU C 235 -11.71 -24.50 2.36
C GLU C 235 -11.21 -25.92 2.65
N GLY C 236 -10.10 -26.00 3.38
CA GLY C 236 -9.50 -27.27 3.77
C GLY C 236 -9.38 -28.40 2.76
N LYS C 237 -8.98 -28.07 1.53
CA LYS C 237 -8.83 -29.10 0.52
C LYS C 237 -7.40 -29.25 0.02
N VAL C 238 -6.57 -28.26 0.34
CA VAL C 238 -5.17 -28.29 -0.08
C VAL C 238 -4.23 -28.41 1.10
N PRO C 239 -3.32 -29.40 1.07
CA PRO C 239 -2.38 -29.57 2.18
C PRO C 239 -1.43 -28.38 2.26
N MET C 240 -1.22 -27.89 3.47
CA MET C 240 -0.37 -26.73 3.71
C MET C 240 0.52 -26.98 4.92
N HIS C 241 1.77 -26.55 4.85
CA HIS C 241 2.70 -26.74 5.94
C HIS C 241 2.45 -25.80 7.11
N LYS C 242 2.87 -26.22 8.29
CA LYS C 242 2.68 -25.46 9.52
C LYS C 242 3.21 -24.02 9.46
N LEU C 243 4.43 -23.83 8.96
CA LEU C 243 4.99 -22.47 8.89
C LEU C 243 4.10 -21.55 8.07
N PHE C 244 3.72 -22.00 6.88
CA PHE C 244 2.87 -21.21 5.99
C PHE C 244 1.55 -20.89 6.68
N LEU C 245 0.94 -21.88 7.30
CA LEU C 245 -0.34 -21.70 8.00
C LEU C 245 -0.21 -20.67 9.11
N GLU C 246 0.86 -20.79 9.89
CA GLU C 246 1.09 -19.87 10.99
C GLU C 246 1.33 -18.43 10.51
N MET C 247 2.09 -18.27 9.44
CA MET C 247 2.38 -16.95 8.90
C MET C 247 1.12 -16.33 8.27
N LEU C 248 0.29 -17.16 7.65
CA LEU C 248 -0.95 -16.68 7.05
C LEU C 248 -1.86 -16.15 8.17
N GLU C 249 -1.85 -16.84 9.30
CA GLU C 249 -2.68 -16.43 10.43
C GLU C 249 -2.09 -15.21 11.14
N ALA C 250 -0.77 -15.06 11.08
CA ALA C 250 -0.09 -13.94 11.71
C ALA C 250 -0.31 -12.64 10.93
N MET C 251 0.02 -12.65 9.63
CA MET C 251 -0.14 -11.47 8.79
C MET C 251 -1.61 -11.12 8.61
N MET C 252 -2.47 -11.94 9.20
CA MET C 252 -3.92 -11.75 9.14
C MET C 252 -4.36 -11.18 10.50
N ASP C 253 -3.56 -11.46 11.52
CA ASP C 253 -3.79 -10.99 12.89
C ASP C 253 -5.16 -11.38 13.45
N ARG D 8 -1.28 -14.74 19.01
CA ARG D 8 -0.81 -15.14 17.65
C ARG D 8 0.31 -16.19 17.71
N PRO D 9 0.01 -17.43 17.29
CA PRO D 9 1.01 -18.49 17.29
C PRO D 9 2.23 -18.07 16.47
N CYS D 10 3.42 -18.40 16.96
CA CYS D 10 4.65 -18.02 16.25
C CYS D 10 5.77 -19.05 16.41
N SER D 11 5.39 -20.26 16.81
CA SER D 11 6.34 -21.34 17.02
C SER D 11 7.32 -21.64 15.86
N GLU D 12 6.82 -21.87 14.65
CA GLU D 12 7.72 -22.19 13.53
C GLU D 12 8.63 -21.04 13.19
N LEU D 13 8.07 -19.84 13.14
CA LEU D 13 8.84 -18.65 12.83
C LEU D 13 9.97 -18.51 13.83
N LEU D 14 9.64 -18.67 15.11
CA LEU D 14 10.63 -18.55 16.17
C LEU D 14 11.76 -19.52 15.96
N LYS D 15 11.40 -20.76 15.67
CA LYS D 15 12.40 -21.81 15.43
C LYS D 15 13.40 -21.42 14.34
N TYR D 16 12.91 -20.97 13.19
CA TYR D 16 13.83 -20.60 12.11
C TYR D 16 14.63 -19.35 12.43
N LEU D 17 14.02 -18.43 13.17
CA LEU D 17 14.70 -17.19 13.52
C LEU D 17 15.83 -17.42 14.52
N THR D 18 15.63 -18.37 15.42
CA THR D 18 16.61 -18.65 16.47
C THR D 18 17.53 -19.84 16.21
N THR D 19 17.44 -20.41 15.02
CA THR D 19 18.31 -21.52 14.67
C THR D 19 19.46 -20.91 13.92
N ASN D 20 20.54 -20.64 14.64
CA ASN D 20 21.74 -20.04 14.07
C ASN D 20 22.36 -20.98 13.04
N ASP D 21 21.63 -21.18 11.96
CA ASP D 21 22.06 -22.07 10.89
C ASP D 21 21.89 -21.38 9.55
#